data_3U53
#
_entry.id   3U53
#
_cell.length_a   72.485
_cell.length_b   72.485
_cell.length_c   133.491
_cell.angle_alpha   90.00
_cell.angle_beta   90.00
_cell.angle_gamma   90.00
#
_symmetry.space_group_name_H-M   'P 43'
#
loop_
_entity.id
_entity.type
_entity.pdbx_description
1 polymer "Bis(5'-nucleosyl)-tetraphosphatase [asymmetrical]"
2 non-polymer 'SULFATE ION'
3 non-polymer GLYCEROL
4 water water
#
_entity_poly.entity_id   1
_entity_poly.type   'polypeptide(L)'
_entity_poly.pdbx_seq_one_letter_code
;MALRACGLIIFRRCLIPKVDNNAIEFLLLQASDGIHHWTPPKGHVEPGEDDLETALRETQEEAGIEAGQLTIIEGFKREL
NYVARNKPKTVIYWLAEVKDYDVEIRLSHEHQAYRWLGLEEACQLAQFKEMKAALQEGHQFLCSIEALEHHHHHH
;
_entity_poly.pdbx_strand_id   A,B,C,D
#
loop_
_chem_comp.id
_chem_comp.type
_chem_comp.name
_chem_comp.formula
GOL non-polymer GLYCEROL 'C3 H8 O3'
SO4 non-polymer 'SULFATE ION' 'O4 S -2'
#
# COMPACT_ATOMS: atom_id res chain seq x y z
N ARG A 4 -23.08 15.70 -0.24
CA ARG A 4 -23.27 15.95 -1.69
C ARG A 4 -23.31 17.44 -1.96
N ALA A 5 -22.41 17.89 -2.81
CA ALA A 5 -22.29 19.28 -3.14
C ALA A 5 -22.30 19.45 -4.65
N CYS A 6 -22.75 20.60 -5.13
CA CYS A 6 -22.73 20.89 -6.54
C CYS A 6 -22.16 22.26 -6.81
N GLY A 7 -21.59 22.46 -7.99
CA GLY A 7 -20.99 23.74 -8.29
C GLY A 7 -20.82 24.04 -9.75
N LEU A 8 -20.19 25.15 -10.06
CA LEU A 8 -19.92 25.48 -11.44
C LEU A 8 -18.49 25.86 -11.63
N ILE A 9 -17.90 25.25 -12.66
CA ILE A 9 -16.61 25.67 -13.10
C ILE A 9 -16.88 26.89 -13.93
N ILE A 10 -16.64 28.06 -13.33
CA ILE A 10 -16.88 29.30 -13.99
C ILE A 10 -15.67 29.63 -14.86
N PHE A 11 -15.90 30.12 -16.05
CA PHE A 11 -14.84 30.54 -16.90
C PHE A 11 -15.25 31.76 -17.69
N ARG A 12 -14.25 32.49 -18.17
CA ARG A 12 -14.53 33.60 -19.03
C ARG A 12 -13.68 33.55 -20.27
N ARG A 13 -14.13 34.27 -21.28
CA ARG A 13 -13.46 34.24 -22.56
C ARG A 13 -12.67 35.51 -22.73
N CYS A 14 -11.42 35.37 -23.12
CA CYS A 14 -10.52 36.50 -23.29
C CYS A 14 -10.21 36.65 -24.76
N LEU A 15 -10.69 37.59 -25.41
CA LEU A 15 -10.68 37.70 -26.87
C LEU A 15 -9.85 38.86 -27.40
N ILE A 16 -8.66 38.54 -27.90
CA ILE A 16 -7.68 39.56 -28.19
C ILE A 16 -6.53 39.11 -29.10
N PRO A 17 -5.86 40.07 -29.72
CA PRO A 17 -4.76 39.75 -30.65
C PRO A 17 -3.41 39.54 -29.96
N LYS A 18 -3.28 38.46 -29.22
CA LYS A 18 -2.02 38.12 -28.56
C LYS A 18 -1.86 38.81 -27.21
N VAL A 19 -2.80 39.69 -26.89
CA VAL A 19 -2.77 40.40 -25.61
C VAL A 19 -2.98 39.41 -24.47
N ASP A 20 -3.89 38.47 -24.72
CA ASP A 20 -4.29 37.48 -23.74
C ASP A 20 -3.57 36.18 -24.02
N ASN A 21 -2.75 35.76 -23.05
CA ASN A 21 -2.06 34.49 -23.11
C ASN A 21 -3.06 33.39 -23.39
N ASN A 22 -4.17 33.40 -22.67
CA ASN A 22 -5.25 32.44 -22.97
C ASN A 22 -6.63 33.03 -23.39
N ALA A 23 -7.43 32.24 -24.11
CA ALA A 23 -8.78 32.59 -24.50
C ALA A 23 -9.82 32.18 -23.43
N ILE A 24 -9.41 31.27 -22.55
CA ILE A 24 -10.30 30.82 -21.49
C ILE A 24 -9.64 30.99 -20.13
N GLU A 25 -10.36 31.61 -19.19
CA GLU A 25 -9.88 31.72 -17.82
C GLU A 25 -10.92 31.21 -16.82
N PHE A 26 -10.44 30.49 -15.82
CA PHE A 26 -11.28 29.90 -14.81
C PHE A 26 -11.30 30.69 -13.51
N LEU A 27 -12.43 30.67 -12.81
CA LEU A 27 -12.51 31.30 -11.50
C LEU A 27 -12.25 30.32 -10.37
N LEU A 28 -11.26 30.61 -9.53
CA LEU A 28 -11.07 29.83 -8.31
C LEU A 28 -11.24 30.74 -7.15
N LEU A 29 -11.85 30.21 -6.09
CA LEU A 29 -12.08 30.98 -4.88
C LEU A 29 -11.21 30.42 -3.77
N GLN A 30 -10.61 31.30 -2.98
CA GLN A 30 -9.77 30.85 -1.88
C GLN A 30 -10.59 30.66 -0.62
N ALA A 31 -10.47 29.51 0.02
CA ALA A 31 -11.14 29.31 1.30
C ALA A 31 -10.55 30.20 2.41
N SER A 32 -11.42 30.78 3.23
CA SER A 32 -10.98 31.54 4.39
C SER A 32 -10.51 30.62 5.50
N ASP A 33 -11.31 29.60 5.79
CA ASP A 33 -10.98 28.61 6.81
C ASP A 33 -10.05 27.56 6.21
N GLY A 34 -8.84 27.47 6.75
CA GLY A 34 -7.84 26.59 6.20
C GLY A 34 -6.83 27.41 5.41
N ILE A 35 -7.30 28.51 4.84
CA ILE A 35 -6.41 29.44 4.10
C ILE A 35 -5.62 28.84 2.91
N HIS A 36 -6.00 27.63 2.48
CA HIS A 36 -5.18 26.91 1.48
C HIS A 36 -5.96 26.30 0.31
N HIS A 37 -7.29 26.34 0.38
CA HIS A 37 -8.13 25.66 -0.58
C HIS A 37 -8.64 26.58 -1.68
N TRP A 38 -8.45 26.17 -2.92
CA TRP A 38 -8.95 26.94 -4.06
C TRP A 38 -9.87 26.08 -4.93
N THR A 39 -11.15 26.48 -4.98
CA THR A 39 -12.15 25.77 -5.79
C THR A 39 -13.04 26.72 -6.56
N PRO A 40 -13.81 26.16 -7.49
CA PRO A 40 -14.83 26.95 -8.12
C PRO A 40 -15.98 27.05 -7.13
N PRO A 41 -16.96 27.89 -7.37
CA PRO A 41 -18.03 27.94 -6.40
C PRO A 41 -18.79 26.60 -6.29
N LYS A 42 -19.00 26.15 -5.07
CA LYS A 42 -19.81 24.98 -4.82
C LYS A 42 -20.41 24.97 -3.41
N GLY A 43 -21.32 24.05 -3.16
CA GLY A 43 -21.96 23.93 -1.88
C GLY A 43 -22.93 22.80 -1.86
N HIS A 44 -23.57 22.61 -0.73
CA HIS A 44 -24.40 21.47 -0.47
C HIS A 44 -25.81 21.57 -0.96
N VAL A 45 -26.32 20.45 -1.38
CA VAL A 45 -27.67 20.28 -1.82
C VAL A 45 -28.67 20.42 -0.70
N GLU A 46 -29.68 21.23 -0.91
CA GLU A 46 -30.77 21.35 0.04
C GLU A 46 -31.76 20.22 -0.21
N PRO A 47 -32.57 19.88 0.82
CA PRO A 47 -33.53 18.81 0.70
C PRO A 47 -34.37 18.80 -0.56
N GLY A 48 -34.98 19.91 -0.90
CA GLY A 48 -35.76 19.91 -2.11
C GLY A 48 -34.98 19.73 -3.40
N GLU A 49 -33.76 20.28 -3.40
CA GLU A 49 -33.04 20.74 -4.57
C GLU A 49 -32.58 19.77 -5.64
N ASP A 50 -32.81 20.17 -6.88
CA ASP A 50 -32.20 19.58 -8.04
C ASP A 50 -30.69 19.84 -8.05
N ASP A 51 -29.89 18.99 -8.65
CA ASP A 51 -28.46 19.19 -8.57
C ASP A 51 -27.99 20.46 -9.24
N LEU A 52 -28.44 20.73 -10.46
CA LEU A 52 -28.12 21.97 -11.14
C LEU A 52 -28.67 23.23 -10.44
N GLU A 53 -29.75 23.07 -9.71
CA GLU A 53 -30.32 24.12 -8.92
C GLU A 53 -29.34 24.56 -7.84
N THR A 54 -28.63 23.60 -7.24
CA THR A 54 -27.62 23.88 -6.22
C THR A 54 -26.40 24.60 -6.80
N ALA A 55 -25.96 24.14 -7.95
CA ALA A 55 -24.80 24.71 -8.59
C ALA A 55 -25.03 26.17 -8.87
N LEU A 56 -26.21 26.51 -9.37
CA LEU A 56 -26.52 27.91 -9.61
C LEU A 56 -26.69 28.61 -8.31
N ARG A 57 -27.48 28.08 -7.41
CA ARG A 57 -27.71 28.82 -6.19
C ARG A 57 -26.38 29.07 -5.50
N GLU A 58 -25.58 28.02 -5.43
CA GLU A 58 -24.37 28.04 -4.68
C GLU A 58 -23.33 28.99 -5.32
N THR A 59 -23.36 29.12 -6.65
CA THR A 59 -22.55 30.11 -7.35
C THR A 59 -22.91 31.56 -7.01
N GLN A 60 -24.19 31.87 -6.90
CA GLN A 60 -24.57 33.19 -6.45
C GLN A 60 -24.16 33.42 -4.97
N GLU A 61 -24.31 32.41 -4.12
CA GLU A 61 -23.93 32.56 -2.72
C GLU A 61 -22.42 32.73 -2.52
N GLU A 62 -21.69 31.83 -3.13
CA GLU A 62 -20.27 31.77 -2.98
C GLU A 62 -19.53 32.87 -3.74
N ALA A 63 -19.97 33.17 -4.95
CA ALA A 63 -19.27 34.11 -5.82
C ALA A 63 -20.02 35.37 -6.22
N GLY A 64 -21.28 35.47 -5.84
CA GLY A 64 -22.03 36.68 -6.15
C GLY A 64 -22.53 36.78 -7.58
N ILE A 65 -22.39 35.72 -8.36
CA ILE A 65 -22.81 35.70 -9.75
C ILE A 65 -24.18 35.11 -9.94
N GLU A 66 -25.07 35.94 -10.46
CA GLU A 66 -26.45 35.63 -10.70
C GLU A 66 -26.66 34.95 -12.01
N ALA A 67 -27.79 34.27 -12.17
CA ALA A 67 -28.07 33.47 -13.36
C ALA A 67 -28.09 34.28 -14.67
N GLY A 68 -28.51 35.53 -14.58
CA GLY A 68 -28.45 36.47 -15.69
C GLY A 68 -27.02 36.70 -16.18
N GLN A 69 -26.05 36.55 -15.28
CA GLN A 69 -24.64 36.80 -15.58
C GLN A 69 -23.91 35.54 -16.03
N LEU A 70 -24.67 34.48 -16.20
CA LEU A 70 -24.17 33.14 -16.44
C LEU A 70 -24.84 32.47 -17.59
N THR A 71 -24.09 31.65 -18.30
CA THR A 71 -24.69 30.71 -19.23
C THR A 71 -24.09 29.32 -19.07
N ILE A 72 -24.96 28.36 -18.80
CA ILE A 72 -24.56 26.97 -18.68
C ILE A 72 -24.25 26.34 -20.04
N ILE A 73 -23.05 25.79 -20.18
CA ILE A 73 -22.70 25.11 -21.37
C ILE A 73 -23.29 23.72 -21.27
N GLU A 74 -24.28 23.41 -22.10
CA GLU A 74 -24.87 22.08 -22.07
C GLU A 74 -23.91 21.04 -22.57
N GLY A 75 -24.05 19.84 -22.05
CA GLY A 75 -23.26 18.71 -22.49
C GLY A 75 -22.06 18.33 -21.67
N PHE A 76 -21.81 19.06 -20.59
CA PHE A 76 -20.70 18.73 -19.73
C PHE A 76 -21.11 18.70 -18.28
N LYS A 77 -20.58 17.73 -17.58
CA LYS A 77 -20.81 17.53 -16.16
C LYS A 77 -19.67 16.64 -15.65
N ARG A 78 -19.28 16.84 -14.40
CA ARG A 78 -18.19 16.06 -13.85
C ARG A 78 -18.42 15.79 -12.37
N GLU A 79 -18.51 14.52 -12.00
CA GLU A 79 -18.68 14.16 -10.61
C GLU A 79 -17.34 13.82 -10.01
N LEU A 80 -16.98 14.53 -8.96
CA LEU A 80 -15.73 14.32 -8.29
C LEU A 80 -15.98 13.50 -7.08
N ASN A 81 -15.21 12.42 -6.91
CA ASN A 81 -15.34 11.60 -5.72
C ASN A 81 -14.03 11.52 -4.96
N TYR A 82 -13.99 12.10 -3.76
CA TYR A 82 -12.75 12.14 -2.99
C TYR A 82 -12.95 12.22 -1.48
N VAL A 83 -11.85 12.48 -0.78
CA VAL A 83 -11.78 12.46 0.69
C VAL A 83 -11.22 13.77 1.22
N ALA A 84 -12.05 14.51 1.96
CA ALA A 84 -11.62 15.78 2.53
C ALA A 84 -11.81 15.84 4.04
N ARG A 85 -10.76 16.24 4.76
CA ARG A 85 -10.82 16.36 6.21
C ARG A 85 -11.25 15.05 6.87
N ASN A 86 -10.75 13.94 6.35
CA ASN A 86 -11.10 12.63 6.88
C ASN A 86 -12.58 12.33 6.70
N LYS A 87 -13.17 12.94 5.67
CA LYS A 87 -14.58 12.76 5.35
C LYS A 87 -14.75 12.50 3.86
N PRO A 88 -15.77 11.74 3.50
CA PRO A 88 -15.99 11.42 2.08
C PRO A 88 -16.84 12.43 1.31
N LYS A 89 -16.32 12.89 0.17
CA LYS A 89 -16.92 13.98 -0.59
C LYS A 89 -17.40 13.64 -2.01
N THR A 90 -18.56 14.18 -2.37
CA THR A 90 -19.03 14.10 -3.73
C THR A 90 -19.44 15.48 -4.27
N VAL A 91 -18.83 15.91 -5.36
CA VAL A 91 -19.18 17.21 -5.88
C VAL A 91 -19.49 17.08 -7.35
N ILE A 92 -20.55 17.74 -7.80
CA ILE A 92 -20.85 17.69 -9.21
C ILE A 92 -20.63 19.04 -9.77
N TYR A 93 -19.97 19.11 -10.93
CA TYR A 93 -19.73 20.38 -11.56
C TYR A 93 -20.24 20.41 -12.99
N TRP A 94 -20.75 21.57 -13.38
CA TRP A 94 -21.09 21.92 -14.77
C TRP A 94 -20.21 23.10 -15.16
N LEU A 95 -20.17 23.46 -16.44
CA LEU A 95 -19.30 24.50 -16.90
C LEU A 95 -20.19 25.65 -17.17
N ALA A 96 -19.81 26.84 -16.73
CA ALA A 96 -20.67 27.96 -17.02
C ALA A 96 -19.81 29.09 -17.46
N GLU A 97 -20.35 29.94 -18.31
CA GLU A 97 -19.57 30.98 -18.89
C GLU A 97 -20.12 32.28 -18.40
N VAL A 98 -19.24 33.23 -18.13
CA VAL A 98 -19.72 34.52 -17.71
C VAL A 98 -19.92 35.43 -18.89
N LYS A 99 -21.07 36.10 -18.92
CA LYS A 99 -21.41 37.00 -20.00
C LYS A 99 -20.48 38.21 -20.08
N ASP A 100 -20.06 38.72 -18.92
CA ASP A 100 -19.23 39.90 -18.88
C ASP A 100 -17.91 39.58 -18.23
N TYR A 101 -16.84 40.03 -18.89
CA TYR A 101 -15.49 39.84 -18.43
C TYR A 101 -15.32 40.40 -17.02
N ASP A 102 -16.03 41.47 -16.74
CA ASP A 102 -15.78 42.27 -15.57
C ASP A 102 -16.86 42.11 -14.54
N VAL A 103 -17.53 40.98 -14.59
CA VAL A 103 -18.67 40.69 -13.73
C VAL A 103 -18.17 40.82 -12.34
N GLU A 104 -18.98 41.42 -11.48
CA GLU A 104 -18.60 41.60 -10.11
C GLU A 104 -18.66 40.27 -9.36
N ILE A 105 -17.53 39.88 -8.78
CA ILE A 105 -17.42 38.71 -7.94
C ILE A 105 -17.67 39.15 -6.52
N ARG A 106 -18.65 38.57 -5.86
CA ARG A 106 -18.89 39.00 -4.50
C ARG A 106 -18.74 37.83 -3.57
N LEU A 107 -17.66 37.79 -2.81
CA LEU A 107 -17.42 36.70 -1.90
C LEU A 107 -18.23 36.76 -0.61
N SER A 108 -18.47 35.59 -0.04
CA SER A 108 -19.03 35.46 1.29
C SER A 108 -17.88 35.20 2.25
N HIS A 109 -18.20 35.03 3.53
CA HIS A 109 -17.20 34.83 4.58
C HIS A 109 -16.37 33.58 4.28
N GLU A 110 -16.93 32.64 3.55
CA GLU A 110 -16.22 31.39 3.28
C GLU A 110 -14.90 31.57 2.53
N HIS A 111 -14.79 32.67 1.77
CA HIS A 111 -13.63 32.89 0.93
C HIS A 111 -13.06 34.27 1.10
N GLN A 112 -11.76 34.39 0.90
CA GLN A 112 -11.09 35.65 1.18
C GLN A 112 -10.54 36.32 -0.06
N ALA A 113 -10.39 35.58 -1.15
CA ALA A 113 -9.93 36.12 -2.42
C ALA A 113 -10.39 35.26 -3.58
N TYR A 114 -10.37 35.81 -4.78
CA TYR A 114 -10.58 35.05 -5.96
C TYR A 114 -9.48 35.35 -6.96
N ARG A 115 -9.35 34.51 -7.99
CA ARG A 115 -8.39 34.74 -9.07
C ARG A 115 -9.00 34.25 -10.37
N TRP A 116 -8.74 34.93 -11.47
CA TRP A 116 -9.13 34.46 -12.80
C TRP A 116 -7.89 33.84 -13.46
N LEU A 117 -7.97 32.59 -13.88
CA LEU A 117 -6.78 31.90 -14.34
C LEU A 117 -6.88 31.08 -15.62
N GLY A 118 -5.78 31.07 -16.36
CA GLY A 118 -5.60 30.21 -17.52
C GLY A 118 -5.49 28.81 -17.00
N LEU A 119 -5.75 27.83 -17.87
CA LEU A 119 -5.87 26.47 -17.42
C LEU A 119 -4.68 25.96 -16.61
N GLU A 120 -3.47 26.22 -17.06
CA GLU A 120 -2.33 25.69 -16.33
C GLU A 120 -2.20 26.22 -14.90
N GLU A 121 -2.31 27.53 -14.74
CA GLU A 121 -2.13 28.13 -13.42
C GLU A 121 -3.27 27.68 -12.49
N ALA A 122 -4.46 27.55 -13.05
CA ALA A 122 -5.62 27.08 -12.30
C ALA A 122 -5.41 25.68 -11.70
N CYS A 123 -4.89 24.76 -12.50
CA CYS A 123 -4.57 23.42 -12.04
C CYS A 123 -3.51 23.47 -10.98
N GLN A 124 -2.52 24.33 -11.20
CA GLN A 124 -1.43 24.52 -10.26
C GLN A 124 -1.92 25.02 -8.91
N LEU A 125 -2.90 25.93 -8.93
CA LEU A 125 -3.52 26.43 -7.70
C LEU A 125 -4.50 25.48 -7.04
N ALA A 126 -5.30 24.78 -7.84
CA ALA A 126 -6.24 23.85 -7.26
C ALA A 126 -5.53 22.72 -6.52
N GLN A 127 -4.38 22.28 -7.07
CA GLN A 127 -3.50 21.29 -6.43
C GLN A 127 -4.00 19.84 -6.45
N PHE A 128 -5.20 19.61 -5.92
CA PHE A 128 -5.81 18.28 -5.83
C PHE A 128 -6.05 17.67 -7.21
N LYS A 129 -5.76 16.39 -7.36
CA LYS A 129 -5.77 15.75 -8.66
C LYS A 129 -7.14 15.73 -9.30
N GLU A 130 -8.17 15.45 -8.54
CA GLU A 130 -9.49 15.37 -9.12
C GLU A 130 -10.00 16.71 -9.63
N MET A 131 -9.67 17.79 -8.95
CA MET A 131 -10.06 19.08 -9.41
C MET A 131 -9.29 19.43 -10.68
N LYS A 132 -8.03 19.04 -10.72
CA LYS A 132 -7.20 19.40 -11.87
C LYS A 132 -7.73 18.67 -13.08
N ALA A 133 -8.05 17.42 -12.85
CA ALA A 133 -8.54 16.56 -13.89
C ALA A 133 -9.80 17.14 -14.44
N ALA A 134 -10.65 17.66 -13.57
CA ALA A 134 -11.95 18.17 -14.00
C ALA A 134 -11.85 19.46 -14.80
N LEU A 135 -10.91 20.33 -14.42
CA LEU A 135 -10.74 21.58 -15.11
C LEU A 135 -10.16 21.33 -16.49
N GLN A 136 -9.19 20.42 -16.54
CA GLN A 136 -8.60 20.01 -17.78
C GLN A 136 -9.63 19.43 -18.70
N GLU A 137 -10.51 18.55 -18.21
CA GLU A 137 -11.48 17.96 -19.12
C GLU A 137 -12.51 18.99 -19.50
N GLY A 138 -12.76 19.94 -18.59
CA GLY A 138 -13.67 21.04 -18.88
C GLY A 138 -13.20 21.85 -20.08
N HIS A 139 -11.92 22.15 -20.06
CA HIS A 139 -11.33 22.99 -21.07
C HIS A 139 -11.37 22.28 -22.40
N GLN A 140 -10.88 21.05 -22.37
CA GLN A 140 -10.90 20.16 -23.51
C GLN A 140 -12.31 20.05 -24.08
N PHE A 141 -13.31 19.92 -23.23
CA PHE A 141 -14.63 19.96 -23.75
C PHE A 141 -14.87 21.23 -24.54
N LEU A 142 -14.53 22.37 -23.95
CA LEU A 142 -14.75 23.68 -24.60
C LEU A 142 -14.08 23.86 -25.98
N CYS A 143 -12.86 23.37 -26.12
CA CYS A 143 -12.21 23.41 -27.41
C CYS A 143 -12.94 22.61 -28.50
N SER A 144 -13.45 21.44 -28.14
CA SER A 144 -14.19 20.66 -29.10
C SER A 144 -15.47 21.35 -29.53
N ILE A 145 -16.30 21.79 -28.60
CA ILE A 145 -17.50 22.50 -28.99
C ILE A 145 -17.17 23.61 -29.98
N GLU A 146 -16.03 24.28 -29.78
CA GLU A 146 -15.66 25.40 -30.63
C GLU A 146 -15.52 24.94 -32.07
N ALA A 147 -14.94 23.76 -32.26
CA ALA A 147 -14.81 23.18 -33.57
C ALA A 147 -15.95 22.18 -33.82
N ARG B 4 6.87 -5.49 0.22
CA ARG B 4 6.70 -6.05 1.58
C ARG B 4 7.96 -5.89 2.44
N ALA B 5 7.79 -5.33 3.64
CA ALA B 5 8.92 -4.98 4.49
C ALA B 5 8.72 -5.44 5.92
N CYS B 6 9.81 -5.70 6.61
CA CYS B 6 9.76 -6.07 8.03
C CYS B 6 10.71 -5.26 8.91
N GLY B 7 10.36 -5.06 10.18
CA GLY B 7 11.22 -4.27 11.03
C GLY B 7 11.10 -4.60 12.49
N LEU B 8 11.72 -3.80 13.34
CA LEU B 8 11.57 -4.02 14.75
C LEU B 8 11.29 -2.72 15.46
N ILE B 9 10.29 -2.73 16.32
CA ILE B 9 10.08 -1.59 17.15
C ILE B 9 11.06 -1.76 18.27
N ILE B 10 12.17 -1.04 18.19
CA ILE B 10 13.21 -1.16 19.18
C ILE B 10 12.86 -0.26 20.37
N PHE B 11 13.12 -0.78 21.56
CA PHE B 11 12.91 -0.03 22.75
C PHE B 11 13.94 -0.38 23.81
N ARG B 12 14.12 0.52 24.75
CA ARG B 12 14.96 0.27 25.87
C ARG B 12 14.28 0.66 27.17
N ARG B 13 14.74 0.07 28.26
CA ARG B 13 14.16 0.39 29.53
C ARG B 13 15.06 1.30 30.32
N CYS B 14 14.47 2.31 30.90
CA CYS B 14 15.18 3.27 31.67
C CYS B 14 14.84 3.05 33.13
N LEU B 15 15.77 2.48 33.88
CA LEU B 15 15.49 1.97 35.22
C LEU B 15 16.05 2.84 36.35
N ILE B 16 15.17 3.60 36.98
CA ILE B 16 15.61 4.65 37.87
C ILE B 16 14.52 5.20 38.81
N PRO B 17 14.94 5.82 39.90
CA PRO B 17 14.00 6.36 40.89
C PRO B 17 13.46 7.74 40.55
N LYS B 18 12.64 7.82 39.51
CA LYS B 18 12.00 9.07 39.09
C LYS B 18 12.90 9.93 38.20
N VAL B 19 14.14 9.49 38.02
CA VAL B 19 15.08 10.18 37.16
C VAL B 19 14.59 10.15 35.73
N ASP B 20 14.05 9.00 35.35
CA ASP B 20 13.58 8.72 34.01
C ASP B 20 12.09 8.89 33.95
N ASN B 21 11.65 9.86 33.17
CA ASN B 21 10.26 10.10 32.89
C ASN B 21 9.62 8.78 32.51
N ASN B 22 10.17 8.16 31.47
CA ASN B 22 9.66 6.92 30.91
C ASN B 22 10.51 5.72 31.28
N ALA B 23 9.88 4.59 31.55
CA ALA B 23 10.62 3.35 31.74
C ALA B 23 10.87 2.65 30.40
N ILE B 24 10.15 3.08 29.38
CA ILE B 24 10.32 2.56 28.03
C ILE B 24 10.64 3.72 27.11
N GLU B 25 11.71 3.59 26.34
CA GLU B 25 11.98 4.53 25.26
C GLU B 25 12.09 3.80 23.92
N PHE B 26 11.47 4.34 22.88
CA PHE B 26 11.51 3.73 21.57
C PHE B 26 12.48 4.42 20.65
N LEU B 27 13.17 3.66 19.80
CA LEU B 27 14.07 4.26 18.83
C LEU B 27 13.37 4.58 17.53
N LEU B 28 13.44 5.83 17.10
CA LEU B 28 12.99 6.21 15.76
C LEU B 28 14.16 6.72 14.94
N LEU B 29 14.17 6.41 13.66
CA LEU B 29 15.26 6.80 12.81
C LEU B 29 14.78 7.82 11.81
N GLN B 30 15.56 8.84 11.54
CA GLN B 30 15.13 9.90 10.60
C GLN B 30 15.50 9.57 9.17
N ALA B 31 14.52 9.60 8.28
CA ALA B 31 14.78 9.41 6.85
C ALA B 31 15.70 10.50 6.32
N SER B 32 16.69 10.09 5.54
CA SER B 32 17.60 11.00 4.86
C SER B 32 16.92 11.78 3.75
N ASP B 33 16.05 11.12 3.00
CA ASP B 33 15.34 11.72 1.88
C ASP B 33 13.86 11.92 2.18
N GLY B 34 13.44 13.16 2.01
CA GLY B 34 12.09 13.62 2.27
C GLY B 34 12.26 14.38 3.57
N ILE B 35 13.19 13.87 4.36
CA ILE B 35 13.68 14.50 5.58
C ILE B 35 12.69 14.57 6.75
N HIS B 36 11.48 14.05 6.56
CA HIS B 36 10.49 14.11 7.62
C HIS B 36 9.99 12.75 8.02
N HIS B 37 10.63 11.72 7.51
CA HIS B 37 10.17 10.38 7.80
C HIS B 37 10.91 9.85 9.01
N TRP B 38 10.17 9.50 10.05
CA TRP B 38 10.76 8.95 11.26
C TRP B 38 10.21 7.55 11.42
N THR B 39 11.08 6.57 11.56
CA THR B 39 10.59 5.22 11.65
C THR B 39 11.53 4.29 12.40
N PRO B 40 10.99 3.15 12.83
CA PRO B 40 11.78 2.11 13.47
C PRO B 40 12.54 1.44 12.35
N PRO B 41 13.60 0.71 12.61
CA PRO B 41 14.34 0.14 11.49
C PRO B 41 13.51 -0.87 10.74
N LYS B 42 13.54 -0.79 9.41
CA LYS B 42 12.84 -1.76 8.62
C LYS B 42 13.29 -1.75 7.16
N GLY B 43 12.94 -2.80 6.42
CA GLY B 43 13.36 -2.96 5.05
C GLY B 43 12.63 -4.09 4.38
N HIS B 44 12.90 -4.24 3.09
CA HIS B 44 12.21 -5.18 2.22
C HIS B 44 12.64 -6.61 2.43
N VAL B 45 11.67 -7.50 2.35
CA VAL B 45 11.88 -8.92 2.37
C VAL B 45 12.65 -9.41 1.16
N GLU B 46 13.67 -10.22 1.41
CA GLU B 46 14.48 -10.82 0.37
C GLU B 46 13.86 -12.14 -0.07
N PRO B 47 14.06 -12.55 -1.34
CA PRO B 47 13.46 -13.76 -1.89
C PRO B 47 13.46 -14.97 -0.98
N GLY B 48 14.57 -15.29 -0.36
CA GLY B 48 14.56 -16.41 0.56
C GLY B 48 13.83 -16.20 1.88
N GLU B 49 13.88 -14.98 2.40
CA GLU B 49 13.70 -14.63 3.81
C GLU B 49 12.41 -14.87 4.57
N ASP B 50 12.59 -15.43 5.76
CA ASP B 50 11.58 -15.42 6.77
C ASP B 50 11.31 -13.99 7.23
N ASP B 51 10.08 -13.69 7.62
CA ASP B 51 9.76 -12.31 7.94
C ASP B 51 10.55 -11.77 9.14
N LEU B 52 10.69 -12.58 10.18
CA LEU B 52 11.52 -12.23 11.32
C LEU B 52 13.00 -12.14 10.95
N GLU B 53 13.42 -12.89 9.94
CA GLU B 53 14.77 -12.82 9.45
C GLU B 53 15.09 -11.48 8.83
N THR B 54 14.13 -10.92 8.08
CA THR B 54 14.24 -9.57 7.52
C THR B 54 14.27 -8.50 8.62
N ALA B 55 13.42 -8.67 9.62
CA ALA B 55 13.31 -7.69 10.67
C ALA B 55 14.64 -7.53 11.38
N LEU B 56 15.32 -8.65 11.63
CA LEU B 56 16.64 -8.60 12.26
C LEU B 56 17.66 -8.11 11.29
N ARG B 57 17.70 -8.71 10.11
CA ARG B 57 18.72 -8.32 9.19
C ARG B 57 18.63 -6.82 8.99
N GLU B 58 17.40 -6.35 8.90
CA GLU B 58 17.18 -5.00 8.52
C GLU B 58 17.38 -4.06 9.68
N THR B 59 17.17 -4.52 10.90
CA THR B 59 17.57 -3.71 12.06
C THR B 59 19.09 -3.46 12.11
N GLN B 60 19.90 -4.50 11.91
CA GLN B 60 21.34 -4.30 11.83
C GLN B 60 21.80 -3.41 10.66
N GLU B 61 21.20 -3.55 9.50
CA GLU B 61 21.56 -2.72 8.34
C GLU B 61 21.22 -1.24 8.53
N GLU B 62 20.02 -1.01 9.01
CA GLU B 62 19.49 0.31 9.16
C GLU B 62 19.97 1.00 10.42
N ALA B 63 20.10 0.27 11.50
CA ALA B 63 20.43 0.85 12.79
C ALA B 63 21.72 0.37 13.43
N GLY B 64 22.41 -0.58 12.81
CA GLY B 64 23.66 -1.02 13.37
C GLY B 64 23.57 -1.92 14.58
N ILE B 65 22.38 -2.40 14.94
CA ILE B 65 22.22 -3.32 16.05
C ILE B 65 22.13 -4.77 15.64
N GLU B 66 23.02 -5.59 16.18
CA GLU B 66 23.11 -7.00 15.85
C GLU B 66 22.29 -7.78 16.81
N ALA B 67 22.02 -9.04 16.48
CA ALA B 67 21.16 -9.91 17.29
C ALA B 67 21.62 -10.17 18.75
N GLY B 68 22.94 -10.17 18.96
CA GLY B 68 23.54 -10.16 20.29
C GLY B 68 23.08 -8.99 21.15
N GLN B 69 22.90 -7.82 20.55
CA GLN B 69 22.51 -6.60 21.24
C GLN B 69 20.99 -6.46 21.45
N LEU B 70 20.22 -7.46 21.03
CA LEU B 70 18.76 -7.44 21.05
C LEU B 70 18.13 -8.65 21.70
N THR B 71 16.89 -8.50 22.13
CA THR B 71 16.05 -9.64 22.46
C THR B 71 14.66 -9.40 21.92
N ILE B 72 14.19 -10.34 21.13
CA ILE B 72 12.83 -10.28 20.62
C ILE B 72 11.78 -10.68 21.69
N ILE B 73 10.80 -9.81 21.91
CA ILE B 73 9.80 -10.08 22.89
C ILE B 73 8.72 -10.94 22.24
N GLU B 74 8.61 -12.20 22.65
CA GLU B 74 7.66 -13.10 22.01
C GLU B 74 6.22 -12.71 22.31
N GLY B 75 5.34 -12.96 21.37
CA GLY B 75 3.91 -12.73 21.59
C GLY B 75 3.34 -11.45 21.02
N PHE B 76 4.20 -10.64 20.41
CA PHE B 76 3.73 -9.42 19.79
C PHE B 76 4.21 -9.32 18.34
N LYS B 77 3.31 -8.90 17.48
CA LYS B 77 3.61 -8.70 16.08
C LYS B 77 2.55 -7.72 15.58
N ARG B 78 2.89 -6.88 14.64
CA ARG B 78 1.92 -5.95 14.17
C ARG B 78 2.11 -5.61 12.68
N GLU B 79 1.12 -5.90 11.88
CA GLU B 79 1.20 -5.59 10.47
C GLU B 79 0.51 -4.27 10.15
N LEU B 80 1.27 -3.33 9.60
CA LEU B 80 0.75 -2.07 9.14
C LEU B 80 0.51 -2.12 7.65
N ASN B 81 -0.68 -1.74 7.22
CA ASN B 81 -1.03 -1.59 5.80
C ASN B 81 -1.34 -0.16 5.44
N TYR B 82 -0.53 0.45 4.59
CA TYR B 82 -0.72 1.85 4.26
C TYR B 82 -0.24 2.24 2.87
N VAL B 83 -0.43 3.53 2.56
CA VAL B 83 -0.15 4.10 1.24
C VAL B 83 0.92 5.16 1.40
N ALA B 84 2.06 4.96 0.75
CA ALA B 84 3.19 5.83 0.97
C ALA B 84 3.82 6.41 -0.27
N ARG B 85 3.61 7.72 -0.47
CA ARG B 85 4.13 8.42 -1.64
C ARG B 85 3.33 7.90 -2.83
N ASN B 86 2.14 7.44 -2.52
CA ASN B 86 1.17 6.92 -3.47
C ASN B 86 1.29 5.47 -3.88
N LYS B 87 2.28 4.79 -3.32
CA LYS B 87 2.38 3.34 -3.47
C LYS B 87 1.86 2.63 -2.20
N PRO B 88 1.30 1.42 -2.37
CA PRO B 88 0.76 0.65 -1.23
C PRO B 88 1.85 -0.17 -0.51
N LYS B 89 1.89 -0.05 0.81
CA LYS B 89 2.94 -0.70 1.59
C LYS B 89 2.42 -1.61 2.71
N THR B 90 3.19 -2.66 2.99
CA THR B 90 2.93 -3.57 4.05
C THR B 90 4.17 -3.66 4.94
N VAL B 91 4.02 -3.47 6.25
CA VAL B 91 5.19 -3.58 7.10
C VAL B 91 4.88 -4.45 8.30
N ILE B 92 5.76 -5.38 8.65
CA ILE B 92 5.52 -6.14 9.84
C ILE B 92 6.52 -5.77 10.85
N TYR B 93 6.06 -5.60 12.09
CA TYR B 93 6.94 -5.26 13.18
C TYR B 93 6.79 -6.25 14.33
N TRP B 94 7.92 -6.54 14.96
CA TRP B 94 7.99 -7.28 16.22
C TRP B 94 8.61 -6.32 17.23
N LEU B 95 8.54 -6.63 18.53
CA LEU B 95 9.12 -5.75 19.52
C LEU B 95 10.42 -6.33 19.96
N ALA B 96 11.42 -5.49 20.10
CA ALA B 96 12.70 -5.99 20.56
C ALA B 96 13.26 -5.01 21.58
N GLU B 97 13.97 -5.56 22.55
CA GLU B 97 14.53 -4.80 23.63
C GLU B 97 16.00 -4.79 23.40
N VAL B 98 16.66 -3.65 23.67
CA VAL B 98 18.10 -3.61 23.57
C VAL B 98 18.75 -4.02 24.86
N LYS B 99 19.77 -4.83 24.77
CA LYS B 99 20.48 -5.31 25.94
C LYS B 99 21.09 -4.18 26.76
N ASP B 100 21.57 -3.16 26.08
CA ASP B 100 22.31 -2.07 26.69
C ASP B 100 21.75 -0.73 26.29
N TYR B 101 21.58 0.11 27.31
CA TYR B 101 21.04 1.45 27.19
C TYR B 101 21.88 2.27 26.20
N ASP B 102 23.17 1.96 26.15
CA ASP B 102 24.08 2.78 25.42
C ASP B 102 24.57 2.11 24.18
N VAL B 103 23.78 1.17 23.67
CA VAL B 103 24.16 0.39 22.52
C VAL B 103 24.47 1.37 21.43
N GLU B 104 25.43 1.04 20.59
CA GLU B 104 25.80 1.93 19.53
C GLU B 104 24.90 1.78 18.32
N ILE B 105 24.29 2.89 17.92
CA ILE B 105 23.44 2.97 16.75
C ILE B 105 24.25 3.39 15.54
N ARG B 106 24.27 2.60 14.50
CA ARG B 106 24.99 3.02 13.34
C ARG B 106 24.07 3.22 12.18
N LEU B 107 23.85 4.46 11.80
CA LEU B 107 23.04 4.70 10.62
C LEU B 107 23.76 4.44 9.29
N SER B 108 23.01 3.95 8.32
CA SER B 108 23.44 3.88 6.95
C SER B 108 23.02 5.19 6.30
N HIS B 109 23.34 5.37 5.03
CA HIS B 109 23.03 6.62 4.32
C HIS B 109 21.54 6.86 4.28
N GLU B 110 20.75 5.82 4.53
CA GLU B 110 19.30 5.96 4.52
C GLU B 110 18.73 6.92 5.57
N HIS B 111 19.44 7.14 6.68
CA HIS B 111 18.93 7.97 7.79
C HIS B 111 19.96 8.94 8.30
N GLN B 112 19.49 10.10 8.75
CA GLN B 112 20.40 11.16 9.11
C GLN B 112 20.58 11.36 10.61
N ALA B 113 19.59 10.96 11.40
CA ALA B 113 19.64 11.07 12.84
C ALA B 113 18.74 10.01 13.48
N TYR B 114 18.93 9.82 14.78
CA TYR B 114 18.10 8.94 15.54
C TYR B 114 17.74 9.64 16.83
N ARG B 115 16.66 9.21 17.48
CA ARG B 115 16.17 9.75 18.72
CA ARG B 115 16.21 9.75 18.74
C ARG B 115 15.71 8.63 19.55
N TRP B 116 15.84 8.68 20.87
CA TRP B 116 15.23 7.67 21.77
C TRP B 116 14.08 8.37 22.45
N LEU B 117 12.88 7.82 22.37
CA LEU B 117 11.72 8.54 22.88
C LEU B 117 10.72 7.76 23.71
N GLY B 118 10.14 8.45 24.70
CA GLY B 118 9.00 7.94 25.45
C GLY B 118 7.82 7.88 24.52
N LEU B 119 6.82 7.09 24.86
CA LEU B 119 5.74 6.80 23.94
C LEU B 119 5.03 8.03 23.34
N GLU B 120 4.75 9.04 24.12
CA GLU B 120 4.08 10.19 23.57
C GLU B 120 4.89 10.97 22.56
N GLU B 121 6.14 11.21 22.85
CA GLU B 121 6.96 11.96 21.96
C GLU B 121 7.20 11.14 20.70
N ALA B 122 7.32 9.83 20.86
CA ALA B 122 7.44 8.91 19.73
C ALA B 122 6.25 8.93 18.77
N CYS B 123 5.04 8.92 19.29
CA CYS B 123 3.87 9.09 18.48
C CYS B 123 3.82 10.43 17.79
N GLN B 124 4.19 11.49 18.51
CA GLN B 124 4.23 12.85 17.94
C GLN B 124 5.16 12.93 16.73
N LEU B 125 6.34 12.33 16.85
CA LEU B 125 7.33 12.33 15.78
C LEU B 125 6.98 11.45 14.59
N ALA B 126 6.50 10.25 14.87
CA ALA B 126 6.19 9.31 13.82
C ALA B 126 5.11 9.89 12.92
N GLN B 127 4.16 10.59 13.51
CA GLN B 127 3.09 11.28 12.77
C GLN B 127 2.01 10.37 12.18
N PHE B 128 2.38 9.45 11.30
CA PHE B 128 1.41 8.56 10.66
C PHE B 128 0.55 7.85 11.70
N LYS B 129 -0.74 7.72 11.40
CA LYS B 129 -1.71 7.06 12.30
C LYS B 129 -1.44 5.56 12.56
N GLU B 130 -1.12 4.80 11.53
CA GLU B 130 -0.80 3.40 11.70
C GLU B 130 0.44 3.18 12.58
N MET B 131 1.42 4.05 12.45
CA MET B 131 2.63 3.98 13.23
C MET B 131 2.34 4.24 14.70
N LYS B 132 1.63 5.32 14.98
CA LYS B 132 1.33 5.67 16.36
C LYS B 132 0.58 4.53 17.03
N ALA B 133 -0.34 3.96 16.28
CA ALA B 133 -1.16 2.91 16.77
C ALA B 133 -0.30 1.77 17.16
N ALA B 134 0.59 1.37 16.28
CA ALA B 134 1.45 0.22 16.53
C ALA B 134 2.35 0.44 17.74
N LEU B 135 2.86 1.65 17.90
CA LEU B 135 3.77 1.92 18.99
C LEU B 135 2.96 1.92 20.26
N GLN B 136 1.74 2.46 20.18
CA GLN B 136 0.91 2.51 21.33
C GLN B 136 0.56 1.11 21.74
N GLU B 137 0.27 0.23 20.79
CA GLU B 137 -0.11 -1.10 21.19
C GLU B 137 1.08 -1.88 21.70
N GLY B 138 2.26 -1.54 21.16
CA GLY B 138 3.51 -2.17 21.56
C GLY B 138 3.76 -1.97 23.04
N HIS B 139 3.55 -0.73 23.48
CA HIS B 139 3.77 -0.35 24.86
C HIS B 139 2.80 -1.06 25.78
N GLN B 140 1.54 -1.04 25.38
CA GLN B 140 0.46 -1.69 26.07
C GLN B 140 0.77 -3.14 26.25
N PHE B 141 1.28 -3.79 25.22
CA PHE B 141 1.68 -5.15 25.37
C PHE B 141 2.77 -5.27 26.40
N LEU B 142 3.74 -4.36 26.36
CA LEU B 142 4.84 -4.35 27.36
C LEU B 142 4.41 -4.19 28.83
N CYS B 143 3.55 -3.23 29.13
CA CYS B 143 2.99 -3.14 30.47
C CYS B 143 2.19 -4.38 30.89
N SER B 144 1.46 -4.99 29.97
CA SER B 144 0.68 -6.16 30.30
C SER B 144 1.55 -7.32 30.71
N ILE B 145 2.57 -7.64 29.93
CA ILE B 145 3.46 -8.72 30.30
C ILE B 145 4.08 -8.48 31.67
N GLU B 146 4.45 -7.25 31.95
CA GLU B 146 5.09 -6.97 33.21
C GLU B 146 4.15 -7.25 34.38
N ALA B 147 2.86 -6.99 34.19
CA ALA B 147 1.85 -7.35 35.17
C ALA B 147 1.98 -8.83 35.53
N ARG C 4 6.33 -30.48 8.17
CA ARG C 4 7.01 -29.16 8.10
C ARG C 4 7.35 -28.58 9.47
N ALA C 5 8.64 -28.56 9.80
CA ALA C 5 9.10 -28.23 11.12
C ALA C 5 10.25 -27.22 11.15
N CYS C 6 10.43 -26.56 12.29
CA CYS C 6 11.48 -25.61 12.41
C CYS C 6 12.17 -25.83 13.72
N GLY C 7 13.48 -25.64 13.75
CA GLY C 7 14.25 -25.84 14.97
C GLY C 7 15.44 -24.91 15.01
N LEU C 8 16.25 -25.01 16.07
CA LEU C 8 17.43 -24.21 16.14
C LEU C 8 18.57 -25.12 16.43
N ILE C 9 19.67 -24.95 15.72
CA ILE C 9 20.83 -25.69 16.03
C ILE C 9 21.45 -24.87 17.11
N ILE C 10 21.23 -25.32 18.35
CA ILE C 10 21.78 -24.66 19.50
C ILE C 10 23.25 -24.96 19.66
N PHE C 11 24.00 -23.93 20.00
CA PHE C 11 25.40 -24.14 20.25
C PHE C 11 25.90 -23.27 21.40
N ARG C 12 27.03 -23.68 21.98
CA ARG C 12 27.73 -22.85 22.93
C ARG C 12 29.19 -22.80 22.54
N ARG C 13 29.87 -21.75 22.99
CA ARG C 13 31.27 -21.52 22.66
C ARG C 13 32.13 -21.70 23.91
N CYS C 14 33.21 -22.45 23.78
CA CYS C 14 34.03 -22.78 24.92
C CYS C 14 35.29 -21.95 24.87
N LEU C 15 35.38 -21.06 25.82
CA LEU C 15 36.39 -20.04 25.80
C LEU C 15 37.49 -20.31 26.79
N ILE C 16 37.68 -21.57 27.17
CA ILE C 16 38.74 -21.90 28.12
C ILE C 16 39.78 -22.92 27.58
N PRO C 17 40.95 -22.41 27.21
CA PRO C 17 41.88 -23.18 26.37
C PRO C 17 42.41 -24.54 26.85
N LYS C 18 42.86 -24.69 28.10
CA LYS C 18 43.35 -25.99 28.56
C LYS C 18 42.25 -27.06 28.58
N VAL C 19 41.08 -26.65 29.03
CA VAL C 19 39.86 -27.47 29.17
C VAL C 19 38.99 -27.84 27.96
N ASP C 20 38.80 -26.91 27.03
CA ASP C 20 37.77 -27.05 25.99
C ASP C 20 38.36 -27.61 24.71
N ASN C 21 38.24 -28.92 24.51
CA ASN C 21 38.74 -29.60 23.32
C ASN C 21 38.13 -29.02 22.04
N ASN C 22 36.82 -28.80 22.09
CA ASN C 22 36.06 -28.27 20.97
C ASN C 22 35.69 -26.83 21.29
N ALA C 23 36.05 -25.89 20.40
CA ALA C 23 35.68 -24.50 20.58
C ALA C 23 34.16 -24.35 20.56
N ILE C 24 33.50 -25.16 19.74
CA ILE C 24 32.06 -25.12 19.63
C ILE C 24 31.42 -26.46 19.96
N GLU C 25 30.35 -26.41 20.74
CA GLU C 25 29.58 -27.59 21.06
C GLU C 25 28.13 -27.37 20.75
N PHE C 26 27.52 -28.38 20.16
CA PHE C 26 26.12 -28.39 19.75
C PHE C 26 25.28 -29.15 20.72
N LEU C 27 24.00 -28.80 20.83
CA LEU C 27 23.11 -29.51 21.75
C LEU C 27 22.15 -30.45 21.04
N LEU C 28 22.12 -31.71 21.47
CA LEU C 28 21.21 -32.69 20.85
C LEU C 28 20.33 -33.38 21.84
N LEU C 29 19.12 -33.66 21.43
CA LEU C 29 18.18 -34.34 22.31
C LEU C 29 17.89 -35.70 21.73
N GLN C 30 17.61 -36.66 22.61
CA GLN C 30 17.26 -38.00 22.18
C GLN C 30 15.78 -38.19 22.34
N ALA C 31 15.13 -38.74 21.34
CA ALA C 31 13.70 -39.02 21.41
C ALA C 31 13.39 -40.20 22.32
N SER C 32 12.27 -40.12 23.02
CA SER C 32 11.70 -41.24 23.74
C SER C 32 11.05 -42.22 22.76
N ASP C 33 10.26 -41.66 21.84
CA ASP C 33 9.51 -42.43 20.85
C ASP C 33 10.45 -42.89 19.75
N GLY C 34 10.63 -44.22 19.64
CA GLY C 34 11.52 -44.82 18.61
C GLY C 34 12.95 -44.38 18.83
N ILE C 35 13.44 -44.66 20.04
CA ILE C 35 14.62 -44.04 20.64
C ILE C 35 15.93 -44.21 19.88
N HIS C 36 16.98 -43.56 20.39
CA HIS C 36 18.27 -43.47 19.69
C HIS C 36 18.10 -42.56 18.47
N HIS C 37 17.18 -41.60 18.61
CA HIS C 37 16.93 -40.58 17.61
C HIS C 37 17.38 -39.21 18.15
N TRP C 38 18.54 -38.76 17.68
CA TRP C 38 19.17 -37.54 18.15
C TRP C 38 19.05 -36.37 17.17
N THR C 39 18.62 -35.23 17.67
CA THR C 39 18.45 -34.05 16.82
C THR C 39 18.44 -32.81 17.68
N PRO C 40 18.62 -31.66 17.05
CA PRO C 40 18.50 -30.39 17.76
C PRO C 40 17.02 -30.16 18.01
N PRO C 41 16.64 -29.16 18.79
CA PRO C 41 15.20 -28.98 18.99
C PRO C 41 14.50 -28.51 17.73
N LYS C 42 13.35 -29.10 17.43
CA LYS C 42 12.55 -28.71 16.27
C LYS C 42 11.12 -29.12 16.48
N GLY C 43 10.21 -28.39 15.91
CA GLY C 43 8.82 -28.74 16.06
C GLY C 43 8.00 -28.36 14.87
N HIS C 44 6.80 -28.91 14.84
CA HIS C 44 5.79 -28.62 13.84
C HIS C 44 5.38 -27.14 13.90
N VAL C 45 5.24 -26.51 12.75
CA VAL C 45 4.82 -25.12 12.66
C VAL C 45 3.35 -25.00 12.97
N GLU C 46 2.98 -24.16 13.93
CA GLU C 46 1.58 -23.92 14.23
C GLU C 46 0.96 -22.87 13.31
N PRO C 47 -0.39 -22.85 13.19
CA PRO C 47 -1.16 -22.11 12.17
C PRO C 47 -0.79 -20.66 11.84
N GLY C 48 -0.75 -19.77 12.82
CA GLY C 48 -0.49 -18.37 12.53
C GLY C 48 0.90 -17.86 12.91
N GLU C 49 1.91 -18.67 12.63
CA GLU C 49 3.22 -18.51 13.21
C GLU C 49 4.26 -18.41 12.13
N ASP C 50 5.23 -17.53 12.34
CA ASP C 50 6.43 -17.42 11.55
C ASP C 50 7.32 -18.64 11.85
N ASP C 51 8.09 -19.05 10.87
CA ASP C 51 8.96 -20.24 11.02
C ASP C 51 9.96 -20.03 12.12
N LEU C 52 10.58 -18.85 12.15
CA LEU C 52 11.50 -18.51 13.20
C LEU C 52 10.82 -18.46 14.56
N GLU C 53 9.59 -18.01 14.61
CA GLU C 53 8.86 -18.10 15.87
C GLU C 53 8.62 -19.56 16.26
N THR C 54 8.44 -20.42 15.28
CA THR C 54 8.22 -21.81 15.57
C THR C 54 9.48 -22.37 16.18
N ALA C 55 10.59 -22.01 15.60
CA ALA C 55 11.83 -22.55 16.06
C ALA C 55 12.13 -22.12 17.49
N LEU C 56 11.79 -20.87 17.82
CA LEU C 56 12.06 -20.34 19.14
C LEU C 56 11.17 -21.00 20.15
N ARG C 57 9.91 -21.14 19.78
CA ARG C 57 8.90 -21.68 20.69
C ARG C 57 9.18 -23.12 21.07
N GLU C 58 9.56 -23.87 20.06
CA GLU C 58 9.81 -25.26 20.22
C GLU C 58 11.14 -25.53 20.90
N THR C 59 12.05 -24.58 20.80
CA THR C 59 13.26 -24.69 21.56
C THR C 59 12.92 -24.59 23.03
N GLN C 60 12.08 -23.64 23.41
CA GLN C 60 11.51 -23.61 24.76
C GLN C 60 10.73 -24.90 25.09
N GLU C 61 9.79 -25.28 24.25
CA GLU C 61 9.05 -26.50 24.56
C GLU C 61 10.00 -27.66 24.73
N GLU C 62 10.85 -27.92 23.76
CA GLU C 62 11.71 -29.11 23.80
C GLU C 62 12.86 -29.16 24.80
N ALA C 63 13.63 -28.08 24.91
CA ALA C 63 14.79 -28.06 25.75
C ALA C 63 14.67 -27.06 26.86
N GLY C 64 13.53 -26.39 26.92
CA GLY C 64 13.26 -25.44 27.99
C GLY C 64 14.14 -24.21 28.01
N ILE C 65 14.74 -23.90 26.86
CA ILE C 65 15.48 -22.64 26.70
C ILE C 65 14.56 -21.55 26.10
N GLU C 66 14.56 -20.36 26.68
CA GLU C 66 13.67 -19.30 26.23
C GLU C 66 14.38 -18.23 25.43
N ALA C 67 13.60 -17.56 24.57
CA ALA C 67 14.09 -16.57 23.63
C ALA C 67 15.10 -15.62 24.24
N GLY C 68 14.87 -15.24 25.49
CA GLY C 68 15.75 -14.29 26.15
C GLY C 68 17.14 -14.88 26.26
N GLN C 69 17.19 -16.19 26.41
CA GLN C 69 18.44 -16.91 26.65
C GLN C 69 19.22 -17.31 25.41
N LEU C 70 18.69 -17.03 24.21
CA LEU C 70 19.35 -17.39 22.96
C LEU C 70 19.61 -16.15 22.14
N THR C 71 20.48 -16.29 21.16
CA THR C 71 20.73 -15.28 20.14
C THR C 71 20.69 -16.00 18.80
N ILE C 72 19.87 -15.50 17.88
CA ILE C 72 19.80 -16.07 16.55
C ILE C 72 20.95 -15.55 15.78
N ILE C 73 21.66 -16.37 15.04
CA ILE C 73 22.85 -15.90 14.43
C ILE C 73 22.42 -15.56 13.08
N GLU C 74 22.54 -14.30 12.71
CA GLU C 74 22.10 -13.83 11.39
C GLU C 74 22.95 -14.36 10.25
N GLY C 75 22.33 -14.64 9.11
CA GLY C 75 23.04 -15.10 7.93
C GLY C 75 23.12 -16.60 7.67
N PHE C 76 22.59 -17.43 8.55
CA PHE C 76 22.65 -18.86 8.33
C PHE C 76 21.25 -19.46 8.44
N LYS C 77 20.93 -20.39 7.55
CA LYS C 77 19.67 -21.03 7.56
C LYS C 77 19.91 -22.29 6.72
N ARG C 78 19.31 -23.42 7.07
CA ARG C 78 19.49 -24.63 6.27
C ARG C 78 18.19 -25.36 6.27
N GLU C 79 17.84 -25.94 5.14
CA GLU C 79 16.59 -26.68 5.06
C GLU C 79 16.78 -28.15 4.75
N LEU C 80 16.27 -29.02 5.60
CA LEU C 80 16.39 -30.44 5.35
C LEU C 80 15.10 -30.98 4.80
N ASN C 81 15.23 -31.64 3.66
CA ASN C 81 14.14 -32.35 3.01
C ASN C 81 14.53 -33.78 2.99
N TYR C 82 13.75 -34.63 3.62
CA TYR C 82 14.07 -36.05 3.64
C TYR C 82 12.82 -36.85 3.83
N VAL C 83 12.95 -38.16 3.73
CA VAL C 83 11.84 -39.05 4.00
C VAL C 83 12.18 -39.82 5.26
N ALA C 84 11.26 -39.84 6.23
CA ALA C 84 11.53 -40.48 7.51
C ALA C 84 10.43 -41.42 7.95
N ARG C 85 10.81 -42.67 8.23
CA ARG C 85 9.86 -43.72 8.63
C ARG C 85 8.70 -43.75 7.64
N ASN C 86 9.05 -43.60 6.36
CA ASN C 86 8.11 -43.61 5.24
C ASN C 86 7.11 -42.45 5.16
N LYS C 87 7.49 -41.30 5.69
CA LYS C 87 6.77 -40.05 5.49
C LYS C 87 7.81 -38.98 5.14
N PRO C 88 7.46 -38.01 4.28
CA PRO C 88 8.40 -36.95 3.90
C PRO C 88 8.36 -35.67 4.76
N LYS C 89 9.49 -35.37 5.39
CA LYS C 89 9.62 -34.31 6.37
C LYS C 89 10.44 -33.16 5.85
N THR C 90 10.06 -31.94 6.20
CA THR C 90 10.82 -30.76 5.88
C THR C 90 11.14 -30.03 7.15
N VAL C 91 12.41 -29.72 7.37
CA VAL C 91 12.80 -29.00 8.57
C VAL C 91 13.67 -27.82 8.25
N ILE C 92 13.42 -26.70 8.90
CA ILE C 92 14.29 -25.55 8.69
C ILE C 92 15.01 -25.23 9.98
N TYR C 93 16.33 -25.17 9.89
CA TYR C 93 17.14 -24.86 11.05
C TYR C 93 17.82 -23.50 10.95
N TRP C 94 17.99 -22.86 12.09
CA TRP C 94 18.76 -21.65 12.23
C TRP C 94 19.77 -22.00 13.29
N LEU C 95 20.79 -21.19 13.46
CA LEU C 95 21.73 -21.39 14.51
C LEU C 95 21.36 -20.42 15.58
N ALA C 96 21.49 -20.84 16.82
CA ALA C 96 21.28 -19.94 17.93
C ALA C 96 22.34 -20.18 18.97
N GLU C 97 23.05 -19.14 19.37
CA GLU C 97 24.02 -19.25 20.45
C GLU C 97 23.36 -19.03 21.79
N VAL C 98 23.82 -19.74 22.81
CA VAL C 98 23.25 -19.50 24.14
C VAL C 98 23.91 -18.31 24.83
N LYS C 99 23.13 -17.62 25.67
CA LYS C 99 23.67 -16.51 26.45
C LYS C 99 24.54 -17.00 27.58
N ASP C 100 24.17 -18.12 28.18
CA ASP C 100 24.96 -18.74 29.22
C ASP C 100 25.35 -20.16 28.91
N TYR C 101 26.64 -20.40 28.97
CA TYR C 101 27.23 -21.70 28.69
C TYR C 101 26.56 -22.78 29.52
N ASP C 102 26.22 -22.46 30.75
CA ASP C 102 25.63 -23.46 31.60
C ASP C 102 24.14 -23.32 31.73
N VAL C 103 23.50 -22.77 30.69
CA VAL C 103 22.04 -22.62 30.62
C VAL C 103 21.37 -23.96 30.88
N GLU C 104 20.21 -23.91 31.51
CA GLU C 104 19.57 -25.13 31.95
C GLU C 104 18.77 -25.81 30.87
N ILE C 105 19.08 -27.06 30.62
CA ILE C 105 18.31 -27.88 29.72
C ILE C 105 17.26 -28.59 30.55
N ARG C 106 15.99 -28.33 30.25
CA ARG C 106 14.88 -29.08 30.85
C ARG C 106 14.16 -29.78 29.73
N LEU C 107 14.27 -31.10 29.68
CA LEU C 107 13.59 -31.84 28.62
C LEU C 107 12.08 -31.91 28.76
N SER C 108 11.43 -32.02 27.62
CA SER C 108 10.03 -32.29 27.59
C SER C 108 9.93 -33.78 27.80
N HIS C 109 8.70 -34.25 27.72
CA HIS C 109 8.37 -35.65 27.82
C HIS C 109 8.86 -36.37 26.55
N GLU C 110 9.04 -35.60 25.48
CA GLU C 110 9.36 -36.12 24.13
C GLU C 110 10.77 -36.67 23.99
N HIS C 111 11.68 -36.27 24.88
CA HIS C 111 13.03 -36.82 24.89
C HIS C 111 13.49 -37.36 26.24
N GLN C 112 14.41 -38.31 26.19
CA GLN C 112 14.86 -38.95 27.40
C GLN C 112 16.27 -38.52 27.77
N ALA C 113 16.96 -37.81 26.87
CA ALA C 113 18.36 -37.45 27.09
C ALA C 113 18.83 -36.30 26.18
N TYR C 114 19.93 -35.67 26.59
CA TYR C 114 20.58 -34.62 25.81
C TYR C 114 22.07 -34.67 26.01
N ARG C 115 22.83 -34.07 25.09
CA ARG C 115 24.27 -34.01 25.22
C ARG C 115 24.73 -32.73 24.55
N TRP C 116 25.76 -32.10 25.11
CA TRP C 116 26.42 -31.01 24.44
C TRP C 116 27.62 -31.71 23.85
N LEU C 117 27.78 -31.66 22.54
CA LEU C 117 28.87 -32.33 21.86
C LEU C 117 29.62 -31.49 20.83
N GLY C 118 30.88 -31.78 20.61
CA GLY C 118 31.62 -31.14 19.53
C GLY C 118 31.17 -31.75 18.23
N LEU C 119 31.62 -31.21 17.12
CA LEU C 119 31.11 -31.63 15.83
C LEU C 119 31.27 -33.12 15.52
N GLU C 120 32.41 -33.72 15.83
CA GLU C 120 32.59 -35.10 15.40
C GLU C 120 31.55 -36.00 16.04
N GLU C 121 31.42 -35.90 17.36
CA GLU C 121 30.49 -36.71 18.09
C GLU C 121 29.09 -36.35 17.66
N ALA C 122 28.77 -35.08 17.63
CA ALA C 122 27.43 -34.72 17.30
C ALA C 122 27.06 -35.31 15.97
N CYS C 123 28.00 -35.34 15.04
CA CYS C 123 27.74 -35.88 13.70
C CYS C 123 27.48 -37.37 13.75
N GLN C 124 28.22 -38.06 14.61
CA GLN C 124 28.09 -39.51 14.78
C GLN C 124 26.73 -39.89 15.32
N LEU C 125 26.18 -39.07 16.22
CA LEU C 125 24.85 -39.31 16.73
C LEU C 125 23.78 -38.99 15.72
N ALA C 126 23.91 -37.89 15.00
CA ALA C 126 22.84 -37.55 14.06
C ALA C 126 22.68 -38.71 13.11
N GLN C 127 23.82 -39.20 12.62
CA GLN C 127 23.87 -40.36 11.75
C GLN C 127 23.30 -40.00 10.38
N PHE C 128 22.08 -39.51 10.43
CA PHE C 128 21.29 -39.18 9.26
C PHE C 128 21.89 -38.04 8.40
N LYS C 129 22.21 -38.33 7.15
CA LYS C 129 23.06 -37.51 6.30
C LYS C 129 22.77 -36.02 6.21
N GLU C 130 21.51 -35.69 6.00
CA GLU C 130 21.15 -34.32 5.85
CA GLU C 130 21.14 -34.23 5.89
C GLU C 130 21.49 -33.55 7.10
N MET C 131 21.36 -34.18 8.26
CA MET C 131 21.61 -33.54 9.54
C MET C 131 23.07 -33.35 9.87
N LYS C 132 23.89 -34.29 9.45
CA LYS C 132 25.33 -34.19 9.59
C LYS C 132 25.83 -33.03 8.78
N ALA C 133 25.34 -32.91 7.56
CA ALA C 133 25.67 -31.80 6.69
C ALA C 133 25.34 -30.48 7.36
N ALA C 134 24.10 -30.30 7.78
CA ALA C 134 23.68 -29.06 8.38
C ALA C 134 24.57 -28.67 9.54
N LEU C 135 24.93 -29.66 10.36
CA LEU C 135 25.76 -29.45 11.52
C LEU C 135 27.16 -29.02 11.09
N GLN C 136 27.71 -29.70 10.11
CA GLN C 136 29.02 -29.38 9.57
C GLN C 136 29.05 -27.99 8.97
N GLU C 137 28.05 -27.65 8.19
CA GLU C 137 28.03 -26.37 7.54
C GLU C 137 27.82 -25.26 8.57
N GLY C 138 26.99 -25.50 9.57
CA GLY C 138 26.82 -24.53 10.65
C GLY C 138 28.12 -24.26 11.38
N HIS C 139 28.85 -25.31 11.66
CA HIS C 139 30.11 -25.15 12.30
C HIS C 139 30.98 -24.24 11.43
N GLN C 140 31.06 -24.59 10.14
CA GLN C 140 31.92 -23.88 9.23
C GLN C 140 31.55 -22.42 9.21
N PHE C 141 30.26 -22.16 9.22
CA PHE C 141 29.75 -20.81 9.19
C PHE C 141 30.27 -19.98 10.36
N LEU C 142 30.09 -20.51 11.57
CA LEU C 142 30.61 -19.90 12.78
C LEU C 142 32.10 -19.62 12.77
N CYS C 143 32.88 -20.58 12.31
CA CYS C 143 34.32 -20.39 12.30
C CYS C 143 34.75 -19.22 11.45
N SER C 144 34.14 -19.09 10.28
CA SER C 144 34.48 -18.03 9.36
C SER C 144 33.98 -16.70 9.85
N ILE C 145 32.79 -16.62 10.40
CA ILE C 145 32.37 -15.32 10.88
C ILE C 145 33.14 -14.93 12.13
N GLU C 146 33.65 -15.90 12.88
CA GLU C 146 34.42 -15.63 14.08
C GLU C 146 35.85 -15.18 13.79
N ALA C 147 36.33 -15.49 12.60
CA ALA C 147 37.60 -14.97 12.15
C ALA C 147 37.40 -13.55 11.60
N ARG D 4 -2.06 2.91 -12.52
CA ARG D 4 -2.44 3.68 -13.73
C ARG D 4 -2.84 2.81 -14.92
N ALA D 5 -4.10 2.90 -15.31
CA ALA D 5 -4.65 2.09 -16.38
C ALA D 5 -5.44 2.94 -17.38
N CYS D 6 -5.53 2.47 -18.63
CA CYS D 6 -6.26 3.18 -19.65
C CYS D 6 -7.20 2.28 -20.38
N GLY D 7 -8.35 2.83 -20.77
CA GLY D 7 -9.36 2.07 -21.45
C GLY D 7 -10.14 2.97 -22.38
N LEU D 8 -11.13 2.40 -23.05
CA LEU D 8 -11.96 3.16 -23.94
C LEU D 8 -13.35 2.79 -23.62
N ILE D 9 -14.22 3.77 -23.42
CA ILE D 9 -15.60 3.45 -23.27
C ILE D 9 -16.11 3.26 -24.66
N ILE D 10 -16.23 2.00 -25.05
CA ILE D 10 -16.76 1.61 -26.35
C ILE D 10 -18.26 1.81 -26.45
N PHE D 11 -18.68 2.41 -27.55
CA PHE D 11 -20.09 2.55 -27.75
C PHE D 11 -20.50 2.27 -29.20
N ARG D 12 -21.77 1.97 -29.39
CA ARG D 12 -22.30 1.92 -30.73
C ARG D 12 -23.56 2.74 -30.80
N ARG D 13 -23.87 3.24 -31.99
CA ARG D 13 -25.06 4.03 -32.21
C ARG D 13 -26.06 3.17 -32.95
N CYS D 14 -27.28 3.09 -32.42
CA CYS D 14 -28.28 2.20 -32.98
C CYS D 14 -29.21 3.02 -33.83
N LEU D 15 -29.13 2.79 -35.12
CA LEU D 15 -29.75 3.68 -36.08
C LEU D 15 -31.07 3.20 -36.64
N ILE D 16 -31.69 2.20 -36.03
CA ILE D 16 -32.99 1.74 -36.52
C ILE D 16 -34.13 2.04 -35.52
N PRO D 17 -35.05 2.94 -35.92
CA PRO D 17 -36.09 3.43 -35.01
C PRO D 17 -37.16 2.39 -34.68
N LYS D 18 -37.66 2.41 -33.45
CA LYS D 18 -38.72 1.50 -33.03
C LYS D 18 -38.22 0.07 -32.78
N VAL D 19 -36.96 -0.17 -33.10
CA VAL D 19 -36.34 -1.50 -32.93
C VAL D 19 -35.30 -1.22 -31.82
N ASP D 20 -34.56 -0.12 -31.94
CA ASP D 20 -33.51 0.22 -30.96
C ASP D 20 -34.01 1.20 -29.93
N ASN D 21 -34.40 0.69 -28.77
CA ASN D 21 -34.84 1.52 -27.66
C ASN D 21 -33.78 2.54 -27.25
N ASN D 22 -32.53 2.11 -27.30
CA ASN D 22 -31.40 2.94 -26.92
C ASN D 22 -30.72 3.49 -28.17
N ALA D 23 -30.59 4.81 -28.27
CA ALA D 23 -29.86 5.37 -29.38
C ALA D 23 -28.40 4.99 -29.22
N ILE D 24 -27.97 4.86 -27.97
CA ILE D 24 -26.60 4.50 -27.70
C ILE D 24 -26.44 3.30 -26.75
N GLU D 25 -25.59 2.36 -27.12
CA GLU D 25 -25.30 1.20 -26.30
C GLU D 25 -23.82 1.14 -26.05
N PHE D 26 -23.45 0.73 -24.84
CA PHE D 26 -22.06 0.60 -24.38
C PHE D 26 -21.65 -0.84 -24.29
N LEU D 27 -20.35 -1.13 -24.39
CA LEU D 27 -19.91 -2.49 -24.24
C LEU D 27 -19.26 -2.71 -22.89
N LEU D 28 -19.72 -3.68 -22.11
CA LEU D 28 -19.09 -4.00 -20.82
C LEU D 28 -18.63 -5.43 -20.76
N LEU D 29 -17.47 -5.66 -20.20
CA LEU D 29 -16.96 -7.03 -20.10
C LEU D 29 -17.03 -7.42 -18.64
N GLN D 30 -17.21 -8.71 -18.39
CA GLN D 30 -17.27 -9.22 -17.03
C GLN D 30 -15.97 -9.94 -16.71
N ALA D 31 -15.36 -9.61 -15.58
CA ALA D 31 -14.10 -10.23 -15.21
C ALA D 31 -14.29 -11.68 -14.78
N SER D 32 -13.44 -12.57 -15.29
CA SER D 32 -13.48 -13.97 -14.88
C SER D 32 -12.98 -14.11 -13.45
N ASP D 33 -11.79 -13.56 -13.19
CA ASP D 33 -11.21 -13.49 -11.85
C ASP D 33 -12.04 -12.55 -11.01
N GLY D 34 -12.68 -13.14 -10.00
CA GLY D 34 -13.53 -12.51 -9.01
C GLY D 34 -15.01 -12.63 -9.35
N ILE D 35 -15.31 -12.71 -10.64
CA ILE D 35 -16.67 -12.98 -11.12
C ILE D 35 -17.66 -11.88 -10.76
N HIS D 36 -17.17 -10.72 -10.31
CA HIS D 36 -18.06 -9.64 -9.90
C HIS D 36 -17.84 -8.29 -10.57
N HIS D 37 -17.02 -8.25 -11.61
CA HIS D 37 -16.71 -6.97 -12.23
C HIS D 37 -17.11 -6.76 -13.69
N TRP D 38 -17.79 -5.64 -13.93
CA TRP D 38 -18.15 -5.18 -15.26
C TRP D 38 -17.52 -3.83 -15.55
N THR D 39 -16.77 -3.74 -16.64
CA THR D 39 -16.15 -2.49 -17.06
C THR D 39 -15.89 -2.51 -18.54
N PRO D 40 -15.66 -1.33 -19.11
CA PRO D 40 -15.22 -1.19 -20.50
C PRO D 40 -13.82 -1.79 -20.54
N PRO D 41 -13.26 -2.01 -21.73
CA PRO D 41 -11.91 -2.54 -21.75
C PRO D 41 -10.89 -1.54 -21.20
N LYS D 42 -10.00 -2.00 -20.33
CA LYS D 42 -8.99 -1.13 -19.81
C LYS D 42 -7.78 -1.93 -19.37
N GLY D 43 -6.65 -1.28 -19.24
CA GLY D 43 -5.45 -2.00 -18.91
C GLY D 43 -4.32 -1.16 -18.39
N HIS D 44 -3.36 -1.84 -17.80
CA HIS D 44 -2.14 -1.26 -17.25
C HIS D 44 -1.26 -0.63 -18.34
N VAL D 45 -0.80 0.58 -18.10
CA VAL D 45 0.04 1.28 -19.05
C VAL D 45 1.43 0.68 -19.07
N GLU D 46 1.93 0.32 -20.24
CA GLU D 46 3.26 -0.23 -20.37
C GLU D 46 4.34 0.85 -20.57
N PRO D 47 5.63 0.51 -20.35
CA PRO D 47 6.73 1.50 -20.21
C PRO D 47 6.87 2.63 -21.23
N GLY D 48 6.82 2.34 -22.52
CA GLY D 48 7.03 3.37 -23.53
C GLY D 48 5.80 3.76 -24.34
N GLU D 49 4.67 3.88 -23.65
CA GLU D 49 3.38 4.00 -24.27
C GLU D 49 2.67 5.24 -23.88
N ASP D 50 2.04 5.86 -24.87
CA ASP D 50 1.08 6.89 -24.66
C ASP D 50 -0.18 6.28 -24.03
N ASP D 51 -0.84 7.03 -23.17
CA ASP D 51 -2.02 6.56 -22.48
C ASP D 51 -3.09 6.11 -23.47
N LEU D 52 -3.27 6.89 -24.53
CA LEU D 52 -4.21 6.58 -25.57
C LEU D 52 -3.80 5.31 -26.35
N GLU D 53 -2.51 5.17 -26.63
CA GLU D 53 -2.06 3.92 -27.17
C GLU D 53 -2.41 2.75 -26.24
N THR D 54 -2.32 2.96 -24.94
CA THR D 54 -2.60 1.88 -24.02
C THR D 54 -4.04 1.50 -24.15
N ALA D 55 -4.87 2.52 -24.14
CA ALA D 55 -6.27 2.30 -24.22
C ALA D 55 -6.58 1.48 -25.46
N LEU D 56 -5.89 1.77 -26.57
CA LEU D 56 -6.18 1.13 -27.83
C LEU D 56 -5.70 -0.30 -27.88
N ARG D 57 -4.50 -0.52 -27.41
CA ARG D 57 -3.91 -1.86 -27.44
C ARG D 57 -4.69 -2.82 -26.55
N GLU D 58 -4.99 -2.31 -25.39
CA GLU D 58 -5.69 -3.04 -24.38
C GLU D 58 -7.13 -3.32 -24.81
N THR D 59 -7.70 -2.41 -25.59
CA THR D 59 -9.03 -2.65 -26.10
C THR D 59 -9.04 -3.86 -27.00
N GLN D 60 -8.14 -3.90 -27.98
CA GLN D 60 -7.90 -5.08 -28.79
C GLN D 60 -7.52 -6.28 -27.92
N GLU D 61 -6.59 -6.09 -27.02
CA GLU D 61 -6.18 -7.18 -26.15
C GLU D 61 -7.42 -7.83 -25.52
N GLU D 62 -8.23 -7.05 -24.80
CA GLU D 62 -9.41 -7.57 -24.11
C GLU D 62 -10.73 -7.85 -24.81
N ALA D 63 -11.08 -7.05 -25.79
CA ALA D 63 -12.33 -7.20 -26.49
C ALA D 63 -12.10 -7.66 -27.89
N GLY D 64 -10.84 -7.72 -28.29
CA GLY D 64 -10.44 -8.17 -29.60
C GLY D 64 -10.79 -7.19 -30.68
N ILE D 65 -10.98 -5.93 -30.32
CA ILE D 65 -11.29 -4.87 -31.28
C ILE D 65 -10.03 -4.06 -31.72
N GLU D 66 -9.75 -4.12 -33.01
CA GLU D 66 -8.58 -3.50 -33.60
C GLU D 66 -8.79 -2.02 -33.62
N ALA D 67 -7.67 -1.28 -33.53
CA ALA D 67 -7.62 0.16 -33.66
C ALA D 67 -8.35 0.63 -34.89
N GLY D 68 -8.11 -0.05 -36.00
CA GLY D 68 -8.69 0.30 -37.27
C GLY D 68 -10.18 0.33 -37.26
N GLN D 69 -10.80 -0.48 -36.40
CA GLN D 69 -12.27 -0.58 -36.35
C GLN D 69 -12.92 0.34 -35.31
N LEU D 70 -12.17 1.30 -34.78
CA LEU D 70 -12.68 2.22 -33.79
C LEU D 70 -12.38 3.62 -34.23
N THR D 71 -13.17 4.56 -33.72
CA THR D 71 -12.90 5.97 -33.86
C THR D 71 -12.85 6.56 -32.45
N ILE D 72 -11.81 7.32 -32.14
CA ILE D 72 -11.71 7.99 -30.86
C ILE D 72 -12.50 9.27 -30.96
N ILE D 73 -13.32 9.55 -29.98
CA ILE D 73 -14.17 10.71 -30.06
C ILE D 73 -13.48 11.82 -29.37
N GLU D 74 -13.05 12.81 -30.15
CA GLU D 74 -12.32 13.97 -29.62
C GLU D 74 -13.12 14.82 -28.65
N GLY D 75 -12.43 15.31 -27.62
CA GLY D 75 -13.03 16.20 -26.64
C GLY D 75 -13.53 15.61 -25.35
N PHE D 76 -13.47 14.29 -25.22
CA PHE D 76 -13.93 13.68 -23.98
C PHE D 76 -12.81 12.86 -23.37
N LYS D 77 -12.63 12.99 -22.07
CA LYS D 77 -11.68 12.21 -21.32
C LYS D 77 -12.25 12.23 -19.92
N ARG D 78 -12.09 11.16 -19.18
CA ARG D 78 -12.56 11.12 -17.81
C ARG D 78 -11.58 10.28 -17.07
N GLU D 79 -11.21 10.73 -15.89
CA GLU D 79 -10.23 10.02 -15.11
C GLU D 79 -10.87 9.50 -13.87
N LEU D 80 -10.70 8.22 -13.60
CA LEU D 80 -11.22 7.61 -12.39
C LEU D 80 -10.15 7.39 -11.35
N ASN D 81 -10.38 7.91 -10.16
CA ASN D 81 -9.54 7.63 -9.01
C ASN D 81 -10.37 6.98 -7.97
N TYR D 82 -9.99 5.79 -7.59
CA TYR D 82 -10.73 5.06 -6.60
C TYR D 82 -9.83 4.05 -5.95
N VAL D 83 -10.34 3.46 -4.88
CA VAL D 83 -9.63 2.42 -4.16
C VAL D 83 -10.36 1.10 -4.41
N ALA D 84 -9.62 0.07 -4.80
CA ALA D 84 -10.21 -1.21 -5.11
C ALA D 84 -9.46 -2.37 -4.46
N ARG D 85 -10.17 -3.15 -3.67
CA ARG D 85 -9.60 -4.28 -2.93
C ARG D 85 -8.38 -3.81 -2.15
N ASN D 86 -8.53 -2.69 -1.46
CA ASN D 86 -7.47 -2.08 -0.66
C ASN D 86 -6.19 -1.72 -1.42
N LYS D 87 -6.34 -1.36 -2.69
CA LYS D 87 -5.27 -0.78 -3.49
C LYS D 87 -5.91 0.38 -4.24
N PRO D 88 -5.23 1.53 -4.33
CA PRO D 88 -5.73 2.71 -5.07
C PRO D 88 -5.39 2.72 -6.58
N LYS D 89 -6.43 2.88 -7.40
CA LYS D 89 -6.29 2.81 -8.84
C LYS D 89 -6.48 4.16 -9.50
N THR D 90 -5.97 4.25 -10.72
CA THR D 90 -6.26 5.37 -11.59
C THR D 90 -6.57 4.77 -12.92
N VAL D 91 -7.66 5.19 -13.53
CA VAL D 91 -7.99 4.77 -14.86
C VAL D 91 -8.36 5.98 -15.72
N ILE D 92 -7.82 6.06 -16.93
CA ILE D 92 -8.28 7.12 -17.82
C ILE D 92 -9.07 6.47 -18.94
N TYR D 93 -10.26 7.01 -19.20
CA TYR D 93 -11.05 6.53 -20.32
C TYR D 93 -11.25 7.61 -21.38
N TRP D 94 -11.41 7.16 -22.62
CA TRP D 94 -11.79 8.01 -23.73
C TRP D 94 -13.01 7.33 -24.28
N LEU D 95 -13.70 7.97 -25.21
CA LEU D 95 -14.82 7.33 -25.83
C LEU D 95 -14.38 6.92 -27.19
N ALA D 96 -14.82 5.74 -27.61
CA ALA D 96 -14.54 5.29 -28.97
C ALA D 96 -15.77 4.66 -29.57
N GLU D 97 -16.21 5.17 -30.72
CA GLU D 97 -17.26 4.53 -31.48
C GLU D 97 -16.77 3.40 -32.38
N VAL D 98 -17.58 2.35 -32.54
CA VAL D 98 -17.22 1.29 -33.48
C VAL D 98 -17.60 1.61 -34.93
N LYS D 99 -16.72 1.22 -35.85
CA LYS D 99 -16.95 1.40 -37.28
C LYS D 99 -18.15 0.56 -37.72
N ASP D 100 -18.21 -0.66 -37.21
CA ASP D 100 -19.32 -1.55 -37.47
C ASP D 100 -20.07 -1.96 -36.23
N TYR D 101 -21.37 -1.79 -36.27
CA TYR D 101 -22.26 -2.13 -35.19
C TYR D 101 -22.14 -3.59 -34.79
N ASP D 102 -21.98 -4.48 -35.73
CA ASP D 102 -21.90 -5.88 -35.38
C ASP D 102 -20.48 -6.38 -35.31
N VAL D 103 -19.56 -5.47 -35.04
CA VAL D 103 -18.13 -5.78 -34.86
C VAL D 103 -18.01 -6.95 -33.90
N GLU D 104 -17.03 -7.82 -34.12
CA GLU D 104 -16.89 -9.02 -33.32
C GLU D 104 -16.10 -8.81 -32.06
N ILE D 105 -16.69 -9.22 -30.95
CA ILE D 105 -16.03 -9.17 -29.67
C ILE D 105 -15.44 -10.53 -29.38
N ARG D 106 -14.12 -10.60 -29.22
CA ARG D 106 -13.45 -11.81 -28.75
C ARG D 106 -12.86 -11.52 -27.40
N LEU D 107 -13.31 -12.19 -26.36
CA LEU D 107 -12.70 -12.03 -25.05
C LEU D 107 -11.34 -12.71 -24.89
N SER D 108 -10.56 -12.18 -23.96
CA SER D 108 -9.37 -12.84 -23.50
C SER D 108 -9.84 -13.72 -22.33
N HIS D 109 -8.91 -14.39 -21.66
CA HIS D 109 -9.25 -15.18 -20.48
C HIS D 109 -9.70 -14.25 -19.35
N GLU D 110 -9.28 -12.97 -19.43
CA GLU D 110 -9.52 -11.98 -18.36
C GLU D 110 -11.05 -11.81 -18.11
N HIS D 111 -11.87 -12.05 -19.12
CA HIS D 111 -13.33 -12.01 -18.95
C HIS D 111 -14.10 -13.23 -19.41
N GLN D 112 -15.23 -13.46 -18.80
CA GLN D 112 -16.05 -14.60 -19.13
C GLN D 112 -17.30 -14.24 -19.90
N ALA D 113 -17.65 -12.97 -19.97
CA ALA D 113 -18.85 -12.52 -20.68
C ALA D 113 -18.80 -11.05 -21.09
N TYR D 114 -19.73 -10.65 -21.96
CA TYR D 114 -19.84 -9.26 -22.35
C TYR D 114 -21.28 -8.88 -22.64
N ARG D 115 -21.59 -7.59 -22.67
CA ARG D 115 -22.92 -7.13 -23.05
C ARG D 115 -22.85 -5.80 -23.73
N TRP D 116 -23.71 -5.59 -24.72
CA TRP D 116 -23.96 -4.27 -25.28
C TRP D 116 -25.20 -3.79 -24.54
N LEU D 117 -25.10 -2.66 -23.86
CA LEU D 117 -26.16 -2.17 -23.01
C LEU D 117 -26.44 -0.68 -23.15
N GLY D 118 -27.68 -0.28 -22.97
CA GLY D 118 -28.02 1.14 -22.91
C GLY D 118 -27.56 1.70 -21.59
N LEU D 119 -27.64 3.02 -21.43
CA LEU D 119 -27.10 3.64 -20.24
C LEU D 119 -27.64 3.07 -18.94
N GLU D 120 -28.91 2.71 -18.90
CA GLU D 120 -29.49 2.24 -17.66
C GLU D 120 -28.90 0.93 -17.15
N GLU D 121 -28.98 -0.13 -17.97
CA GLU D 121 -28.51 -1.43 -17.56
C GLU D 121 -27.02 -1.29 -17.35
N ALA D 122 -26.38 -0.48 -18.17
CA ALA D 122 -24.96 -0.32 -18.06
C ALA D 122 -24.52 0.24 -16.73
N CYS D 123 -25.21 1.25 -16.24
CA CYS D 123 -24.81 1.84 -14.98
C CYS D 123 -25.06 0.87 -13.85
N GLN D 124 -26.14 0.10 -14.01
CA GLN D 124 -26.56 -0.90 -13.03
C GLN D 124 -25.46 -1.91 -12.83
N LEU D 125 -24.85 -2.33 -13.92
CA LEU D 125 -23.81 -3.31 -13.89
C LEU D 125 -22.53 -2.78 -13.32
N ALA D 126 -22.14 -1.57 -13.68
CA ALA D 126 -20.90 -1.04 -13.15
C ALA D 126 -20.99 -1.06 -11.64
N GLN D 127 -22.13 -0.61 -11.11
CA GLN D 127 -22.44 -0.59 -9.67
C GLN D 127 -21.41 0.21 -8.89
N PHE D 128 -20.47 0.82 -9.61
CA PHE D 128 -19.36 1.49 -8.99
C PHE D 128 -19.40 2.97 -9.38
N LYS D 129 -19.48 3.84 -8.38
CA LYS D 129 -19.97 5.20 -8.54
C LYS D 129 -19.29 6.01 -9.64
N GLU D 130 -17.97 5.94 -9.66
CA GLU D 130 -17.20 6.71 -10.59
C GLU D 130 -17.41 6.21 -11.98
N MET D 131 -17.57 4.90 -12.13
CA MET D 131 -17.81 4.31 -13.43
C MET D 131 -19.16 4.70 -13.96
N LYS D 132 -20.16 4.75 -13.11
CA LYS D 132 -21.48 5.16 -13.53
C LYS D 132 -21.46 6.60 -13.97
N ALA D 133 -20.78 7.44 -13.20
CA ALA D 133 -20.63 8.85 -13.54
C ALA D 133 -20.00 8.99 -14.90
N ALA D 134 -18.94 8.25 -15.10
CA ALA D 134 -18.21 8.30 -16.33
C ALA D 134 -19.09 8.00 -17.51
N LEU D 135 -19.85 6.90 -17.38
CA LEU D 135 -20.75 6.46 -18.42
C LEU D 135 -21.83 7.50 -18.66
N GLN D 136 -22.43 8.01 -17.61
CA GLN D 136 -23.48 9.01 -17.76
C GLN D 136 -22.96 10.23 -18.46
N GLU D 137 -21.78 10.65 -18.07
CA GLU D 137 -21.17 11.80 -18.65
C GLU D 137 -20.82 11.61 -20.11
N GLY D 138 -20.35 10.42 -20.47
CA GLY D 138 -20.07 10.11 -21.87
C GLY D 138 -21.31 10.09 -22.75
N HIS D 139 -22.39 9.51 -22.24
CA HIS D 139 -23.61 9.52 -22.96
C HIS D 139 -24.00 10.98 -23.24
N GLN D 140 -23.94 11.79 -22.20
CA GLN D 140 -24.36 13.18 -22.29
C GLN D 140 -23.52 13.95 -23.28
N PHE D 141 -22.23 13.67 -23.28
CA PHE D 141 -21.32 14.31 -24.20
C PHE D 141 -21.73 14.02 -25.64
N LEU D 142 -21.92 12.74 -25.94
CA LEU D 142 -22.37 12.28 -27.24
C LEU D 142 -23.69 12.88 -27.69
N CYS D 143 -24.65 12.93 -26.80
CA CYS D 143 -25.95 13.45 -27.18
C CYS D 143 -25.87 14.90 -27.59
N SER D 144 -25.06 15.65 -26.85
CA SER D 144 -24.85 17.06 -27.08
C SER D 144 -24.10 17.30 -28.37
N ILE D 145 -23.08 16.53 -28.68
CA ILE D 145 -22.42 16.79 -29.95
C ILE D 145 -23.15 16.22 -31.18
N GLU D 146 -24.13 15.34 -30.94
CA GLU D 146 -24.99 14.86 -32.01
C GLU D 146 -26.01 15.91 -32.41
N ALA D 147 -26.45 16.71 -31.44
CA ALA D 147 -27.23 17.89 -31.72
C ALA D 147 -26.25 18.98 -32.13
S SO4 E . -6.38 28.70 -23.83
O1 SO4 E . -5.50 28.27 -22.73
O2 SO4 E . -7.60 29.34 -23.30
O3 SO4 E . -5.68 29.72 -24.62
O4 SO4 E . -6.77 27.55 -24.66
S SO4 F . -13.70 20.89 0.27
O1 SO4 F . -14.78 20.30 1.05
O2 SO4 F . -13.77 20.49 -1.12
O3 SO4 F . -13.83 22.35 0.32
O4 SO4 F . -12.41 20.45 0.80
S SO4 G . -21.95 36.19 4.46
O1 SO4 G . -22.66 36.93 5.50
O2 SO4 G . -22.67 34.95 4.15
O3 SO4 G . -21.86 37.05 3.29
O4 SO4 G . -20.60 35.85 4.91
C1 GOL H . -15.89 37.60 -21.47
O1 GOL H . -16.38 36.35 -21.01
C2 GOL H . -17.00 38.24 -22.31
O2 GOL H . -17.40 37.33 -23.32
C3 GOL H . -16.58 39.61 -22.87
O3 GOL H . -17.13 40.71 -22.14
S SO4 I . 6.53 4.48 30.49
O1 SO4 I . 7.11 4.83 31.79
O2 SO4 I . 6.22 5.67 29.67
O3 SO4 I . 7.51 3.62 29.83
O4 SO4 I . 5.29 3.72 30.69
S SO4 J . 16.80 -13.13 19.41
O1 SO4 J . 16.48 -12.18 20.48
O2 SO4 J . 15.72 -13.07 18.43
O3 SO4 J . 18.08 -12.80 18.73
O4 SO4 J . 16.80 -14.47 20.01
S SO4 K . 16.05 -2.21 1.81
O1 SO4 K . 16.84 -1.44 2.78
O2 SO4 K . 14.73 -1.61 1.69
O3 SO4 K . 16.72 -2.17 0.51
O4 SO4 K . 15.96 -3.62 2.24
S SO4 L . 7.88 4.69 4.35
O1 SO4 L . 8.18 5.53 5.52
O2 SO4 L . 7.21 5.49 3.33
O3 SO4 L . 9.12 4.15 3.81
O4 SO4 L . 7.01 3.60 4.76
S SO4 M . 25.01 -30.28 30.80
O1 SO4 M . 24.16 -30.99 31.76
O2 SO4 M . 24.05 -29.52 29.98
O3 SO4 M . 25.94 -29.33 31.43
O4 SO4 M . 25.80 -31.25 30.00
S SO4 N . 35.98 -27.04 16.98
O1 SO4 N . 36.91 -26.38 17.92
O2 SO4 N . 34.62 -26.55 17.32
O3 SO4 N . 36.33 -26.68 15.60
O4 SO4 N . 35.99 -28.50 17.10
S SO4 O . 28.70 -18.84 31.32
O1 SO4 O . 28.44 -17.73 32.25
O2 SO4 O . 28.26 -18.43 29.99
O3 SO4 O . 30.11 -19.23 31.30
O4 SO4 O . 27.93 -19.99 31.79
S SO4 P . 12.17 -37.14 12.61
O1 SO4 P . 11.38 -37.22 13.85
O2 SO4 P . 11.59 -36.13 11.73
O3 SO4 P . 13.57 -36.81 12.91
O4 SO4 P . 12.13 -38.44 11.94
S SO4 Q . 28.99 -18.73 25.27
O1 SO4 Q . 28.63 -17.83 26.48
O2 SO4 Q . 27.90 -19.74 24.83
O3 SO4 Q . 29.18 -17.74 24.11
O4 SO4 Q . 30.29 -19.54 25.49
S SO4 R . -23.36 -9.21 -29.60
O1 SO4 R . -24.24 -8.88 -28.48
O2 SO4 R . -24.08 -8.90 -30.86
O3 SO4 R . -22.18 -8.35 -29.50
O4 SO4 R . -22.85 -10.60 -29.52
S SO4 S . -30.37 6.78 -25.39
O1 SO4 S . -30.23 8.23 -25.26
O2 SO4 S . -30.69 6.22 -24.06
O3 SO4 S . -31.41 6.46 -26.38
O4 SO4 S . -29.11 6.20 -25.89
S SO4 T . -8.53 6.87 -34.62
O1 SO4 T . -9.00 7.97 -33.75
O2 SO4 T . -9.68 6.34 -35.36
O3 SO4 T . -7.58 7.40 -35.59
O4 SO4 T . -7.87 5.79 -33.87
S SO4 U . -23.04 -2.18 -39.36
O1 SO4 U . -22.21 -0.98 -39.20
O2 SO4 U . -24.47 -1.85 -39.24
O3 SO4 U . -22.77 -2.78 -40.66
O4 SO4 U . -22.70 -3.15 -38.32
S SO4 V . -10.94 -2.96 -11.14
O1 SO4 V . -10.81 -2.80 -9.69
O2 SO4 V . -12.37 -3.04 -11.52
O3 SO4 V . -10.32 -1.79 -11.77
O4 SO4 V . -10.25 -4.15 -11.60
#